data_2ZOZ
#
_entry.id   2ZOZ
#
_cell.length_a   62.745
_cell.length_b   92.226
_cell.length_c   105.684
_cell.angle_alpha   90.00
_cell.angle_beta   90.00
_cell.angle_gamma   90.00
#
_symmetry.space_group_name_H-M   'P 21 21 21'
#
loop_
_entity.id
_entity.type
_entity.pdbx_description
1 polymer 'Transcriptional regulator'
2 non-polymer 'SULFATE ION'
3 non-polymer GLYCEROL
4 non-polymer ETHIDIUM
5 water water
#
_entity_poly.entity_id   1
_entity_poly.type   'polypeptide(L)'
_entity_poly.pdbx_seq_one_letter_code
;MRTSKKEMILRTAIDYIGEYSLETLSYDSLAEATGLSKSGLIYHFPSRHALLLGMHELLADDWDKELRDITRDPEDPLER
LRAVVVTLAENVSRPELLLLIDAPSHPDFLNAWRTVNHQWIPDTDDLENDAHKRAVYLVQLAADGLFVHDYIHDDVLSKS
KRQAMLETILELIPSELHHHHHH
;
_entity_poly.pdbx_strand_id   A,B
#
# COMPACT_ATOMS: atom_id res chain seq x y z
N THR A 3 2.87 -23.71 -16.62
CA THR A 3 1.82 -24.75 -16.77
C THR A 3 1.01 -24.52 -18.05
N SER A 4 -0.28 -24.21 -17.88
CA SER A 4 -1.16 -23.95 -19.01
C SER A 4 -0.58 -22.83 -19.87
N LYS A 5 -0.89 -22.87 -21.16
CA LYS A 5 -0.43 -21.84 -22.07
C LYS A 5 -1.16 -20.59 -21.58
N LYS A 6 -2.41 -20.80 -21.17
CA LYS A 6 -3.24 -19.73 -20.66
C LYS A 6 -2.67 -19.13 -19.37
N GLU A 7 -2.18 -19.98 -18.48
CA GLU A 7 -1.61 -19.45 -17.24
C GLU A 7 -0.30 -18.75 -17.53
N MET A 8 0.44 -19.26 -18.50
CA MET A 8 1.71 -18.66 -18.89
C MET A 8 1.47 -17.22 -19.33
N ILE A 9 0.42 -17.02 -20.11
CA ILE A 9 0.07 -15.71 -20.61
C ILE A 9 -0.22 -14.78 -19.44
N LEU A 10 -1.06 -15.24 -18.52
CA LEU A 10 -1.43 -14.48 -17.34
C LEU A 10 -0.22 -14.11 -16.47
N ARG A 11 0.66 -15.09 -16.21
CA ARG A 11 1.85 -14.84 -15.39
C ARG A 11 2.75 -13.79 -16.05
N THR A 12 2.88 -13.88 -17.37
CA THR A 12 3.70 -12.94 -18.12
C THR A 12 3.13 -11.53 -18.04
N ALA A 13 1.80 -11.41 -18.13
CA ALA A 13 1.13 -10.12 -18.06
C ALA A 13 1.29 -9.52 -16.67
N ILE A 14 1.23 -10.37 -15.64
CA ILE A 14 1.39 -9.91 -14.26
C ILE A 14 2.80 -9.36 -14.07
N ASP A 15 3.81 -10.10 -14.54
CA ASP A 15 5.19 -9.65 -14.41
C ASP A 15 5.38 -8.35 -15.19
N TYR A 16 4.72 -8.25 -16.33
CA TYR A 16 4.83 -7.06 -17.17
C TYR A 16 4.41 -5.75 -16.49
N ILE A 17 3.27 -5.75 -15.81
CA ILE A 17 2.79 -4.51 -15.20
C ILE A 17 3.68 -4.04 -14.06
N GLY A 18 4.42 -4.96 -13.47
CA GLY A 18 5.32 -4.59 -12.38
C GLY A 18 6.55 -3.89 -12.93
N GLU A 19 6.97 -4.30 -14.12
CA GLU A 19 8.16 -3.72 -14.75
C GLU A 19 7.83 -2.48 -15.56
N TYR A 20 6.65 -2.43 -16.15
CA TYR A 20 6.25 -1.29 -16.95
C TYR A 20 5.05 -0.62 -16.31
N SER A 21 3.85 -0.99 -16.74
CA SER A 21 2.65 -0.42 -16.13
C SER A 21 1.41 -1.15 -16.61
N LEU A 22 0.32 -0.90 -15.90
CA LEU A 22 -0.98 -1.47 -16.24
C LEU A 22 -1.40 -0.78 -17.55
N GLU A 23 -1.17 0.53 -17.62
CA GLU A 23 -1.57 1.29 -18.81
C GLU A 23 -1.04 0.76 -20.13
N THR A 24 0.25 0.41 -20.17
CA THR A 24 0.83 -0.07 -21.42
C THR A 24 0.70 -1.56 -21.66
N LEU A 25 -0.07 -2.26 -20.81
CA LEU A 25 -0.28 -3.68 -21.03
C LEU A 25 -1.26 -3.74 -22.21
N SER A 26 -0.79 -4.23 -23.35
CA SER A 26 -1.60 -4.32 -24.56
C SER A 26 -1.32 -5.63 -25.29
N TYR A 27 -2.05 -5.91 -26.35
CA TYR A 27 -1.79 -7.14 -27.06
C TYR A 27 -0.41 -7.04 -27.70
N ASP A 28 -0.03 -5.83 -28.09
CA ASP A 28 1.29 -5.62 -28.68
C ASP A 28 2.39 -5.93 -27.67
N SER A 29 2.33 -5.31 -26.49
CA SER A 29 3.35 -5.55 -25.47
C SER A 29 3.28 -6.96 -24.89
N LEU A 30 2.09 -7.53 -24.79
CA LEU A 30 1.97 -8.88 -24.24
C LEU A 30 2.48 -9.91 -25.26
N ALA A 31 2.26 -9.63 -26.54
CA ALA A 31 2.74 -10.54 -27.59
C ALA A 31 4.27 -10.57 -27.56
N GLU A 32 4.87 -9.39 -27.42
CA GLU A 32 6.33 -9.31 -27.37
C GLU A 32 6.85 -10.06 -26.15
N ALA A 33 6.18 -9.88 -25.01
CA ALA A 33 6.57 -10.52 -23.76
C ALA A 33 6.41 -12.04 -23.77
N THR A 34 5.34 -12.55 -24.37
CA THR A 34 5.09 -14.00 -24.40
C THR A 34 5.68 -14.71 -25.61
N GLY A 35 5.94 -13.97 -26.68
CA GLY A 35 6.47 -14.59 -27.88
C GLY A 35 5.34 -15.16 -28.73
N LEU A 36 4.11 -14.94 -28.28
CA LEU A 36 2.93 -15.41 -29.01
C LEU A 36 2.40 -14.27 -29.89
N SER A 37 1.70 -14.62 -30.96
CA SER A 37 1.12 -13.63 -31.85
C SER A 37 -0.14 -13.09 -31.18
N LYS A 38 -0.66 -11.97 -31.67
CA LYS A 38 -1.90 -11.43 -31.11
C LYS A 38 -3.01 -12.45 -31.37
N SER A 39 -2.95 -13.14 -32.51
CA SER A 39 -3.95 -14.14 -32.85
C SER A 39 -3.96 -15.21 -31.75
N GLY A 40 -2.77 -15.61 -31.32
CA GLY A 40 -2.64 -16.62 -30.28
C GLY A 40 -3.15 -16.15 -28.93
N LEU A 41 -2.99 -14.86 -28.65
CA LEU A 41 -3.45 -14.29 -27.40
C LEU A 41 -4.98 -14.22 -27.36
N ILE A 42 -5.56 -13.74 -28.46
CA ILE A 42 -7.02 -13.61 -28.58
C ILE A 42 -7.71 -14.95 -28.41
N TYR A 43 -7.06 -15.99 -28.92
CA TYR A 43 -7.56 -17.36 -28.84
C TYR A 43 -7.92 -17.69 -27.40
N HIS A 44 -7.14 -17.15 -26.46
CA HIS A 44 -7.37 -17.40 -25.04
C HIS A 44 -8.04 -16.26 -24.28
N PHE A 45 -7.70 -15.02 -24.64
CA PHE A 45 -8.28 -13.85 -23.98
C PHE A 45 -8.75 -12.92 -25.09
N PRO A 46 -10.08 -12.85 -25.30
CA PRO A 46 -10.76 -12.04 -26.32
C PRO A 46 -10.56 -10.54 -26.23
N SER A 47 -10.40 -10.03 -25.01
CA SER A 47 -10.24 -8.60 -24.83
C SER A 47 -9.30 -8.29 -23.68
N ARG A 48 -8.88 -7.03 -23.60
CA ARG A 48 -7.99 -6.59 -22.53
C ARG A 48 -8.72 -6.75 -21.21
N HIS A 49 -10.03 -6.54 -21.23
CA HIS A 49 -10.81 -6.69 -20.02
C HIS A 49 -10.75 -8.13 -19.53
N ALA A 50 -10.88 -9.07 -20.46
CA ALA A 50 -10.83 -10.49 -20.12
C ALA A 50 -9.46 -10.84 -19.55
N LEU A 51 -8.42 -10.25 -20.12
CA LEU A 51 -7.06 -10.50 -19.66
C LEU A 51 -6.89 -10.01 -18.21
N LEU A 52 -7.25 -8.76 -17.95
CA LEU A 52 -7.15 -8.18 -16.61
C LEU A 52 -7.95 -9.01 -15.60
N LEU A 53 -9.17 -9.39 -15.98
CA LEU A 53 -9.99 -10.19 -15.09
C LEU A 53 -9.27 -11.49 -14.77
N GLY A 54 -8.68 -12.10 -15.79
CA GLY A 54 -7.96 -13.34 -15.58
C GLY A 54 -6.79 -13.16 -14.62
N MET A 55 -6.13 -12.01 -14.70
CA MET A 55 -4.99 -11.72 -13.83
C MET A 55 -5.45 -11.60 -12.38
N HIS A 56 -6.54 -10.87 -12.15
CA HIS A 56 -7.09 -10.71 -10.80
C HIS A 56 -7.52 -12.06 -10.22
N GLU A 57 -8.24 -12.86 -11.02
CA GLU A 57 -8.70 -14.17 -10.57
C GLU A 57 -7.53 -15.08 -10.23
N LEU A 58 -6.45 -14.99 -11.00
CA LEU A 58 -5.29 -15.84 -10.76
C LEU A 58 -4.64 -15.53 -9.41
N LEU A 59 -4.45 -14.26 -9.12
CA LEU A 59 -3.84 -13.84 -7.86
C LEU A 59 -4.72 -14.19 -6.68
N ALA A 60 -6.03 -14.02 -6.85
CA ALA A 60 -6.97 -14.35 -5.79
C ALA A 60 -6.93 -15.85 -5.50
N ASP A 61 -6.85 -16.64 -6.57
CA ASP A 61 -6.81 -18.10 -6.44
C ASP A 61 -5.50 -18.52 -5.79
N ASP A 62 -4.40 -17.85 -6.16
CA ASP A 62 -3.10 -18.14 -5.60
C ASP A 62 -3.14 -17.99 -4.07
N TRP A 63 -3.71 -16.89 -3.61
CA TRP A 63 -3.78 -16.63 -2.18
C TRP A 63 -4.65 -17.67 -1.47
N ASP A 64 -5.81 -17.97 -2.05
CA ASP A 64 -6.69 -18.96 -1.45
C ASP A 64 -5.99 -20.30 -1.28
N LYS A 65 -5.26 -20.73 -2.32
CA LYS A 65 -4.54 -21.99 -2.27
C LYS A 65 -3.44 -21.97 -1.21
N GLU A 66 -2.76 -20.83 -1.11
CA GLU A 66 -1.68 -20.66 -0.14
C GLU A 66 -2.22 -20.78 1.28
N LEU A 67 -3.37 -20.16 1.53
CA LEU A 67 -4.01 -20.18 2.85
C LEU A 67 -4.47 -21.58 3.22
N ARG A 68 -5.17 -22.25 2.30
CA ARG A 68 -5.67 -23.60 2.52
C ARG A 68 -4.51 -24.54 2.82
N ASP A 69 -3.39 -24.31 2.16
CA ASP A 69 -2.20 -25.12 2.31
C ASP A 69 -1.53 -25.06 3.68
N ILE A 70 -1.58 -23.91 4.34
CA ILE A 70 -0.94 -23.78 5.65
C ILE A 70 -1.88 -23.67 6.84
N THR A 71 -3.18 -23.72 6.59
CA THR A 71 -4.14 -23.60 7.67
C THR A 71 -4.34 -24.93 8.40
N ARG A 72 -4.11 -24.92 9.71
CA ARG A 72 -4.27 -26.11 10.53
C ARG A 72 -5.70 -26.60 10.38
N ASP A 73 -6.63 -25.88 10.99
CA ASP A 73 -8.05 -26.23 10.92
C ASP A 73 -8.78 -25.06 10.24
N PRO A 74 -9.18 -25.25 8.98
CA PRO A 74 -9.89 -24.20 8.23
C PRO A 74 -11.21 -23.77 8.88
N GLU A 75 -11.68 -24.54 9.85
CA GLU A 75 -12.93 -24.22 10.53
C GLU A 75 -12.70 -23.36 11.77
N ASP A 76 -11.46 -23.31 12.25
CA ASP A 76 -11.12 -22.51 13.42
C ASP A 76 -10.74 -21.09 12.99
N PRO A 77 -11.50 -20.08 13.43
CA PRO A 77 -11.26 -18.67 13.11
C PRO A 77 -9.86 -18.19 13.44
N LEU A 78 -9.34 -18.63 14.60
CA LEU A 78 -8.01 -18.23 15.03
C LEU A 78 -6.91 -18.83 14.17
N GLU A 79 -7.16 -20.01 13.61
CA GLU A 79 -6.18 -20.66 12.75
C GLU A 79 -6.20 -20.03 11.36
N ARG A 80 -7.36 -19.56 10.94
CA ARG A 80 -7.47 -18.90 9.65
C ARG A 80 -6.71 -17.58 9.78
N LEU A 81 -6.94 -16.90 10.89
CA LEU A 81 -6.27 -15.61 11.14
C LEU A 81 -4.76 -15.79 11.13
N ARG A 82 -4.28 -16.87 11.75
CA ARG A 82 -2.86 -17.13 11.80
C ARG A 82 -2.31 -17.33 10.39
N ALA A 83 -3.06 -18.05 9.56
CA ALA A 83 -2.64 -18.30 8.19
C ALA A 83 -2.57 -16.99 7.41
N VAL A 84 -3.53 -16.12 7.65
CA VAL A 84 -3.57 -14.82 6.98
C VAL A 84 -2.32 -14.03 7.37
N VAL A 85 -2.03 -13.97 8.66
CA VAL A 85 -0.86 -13.24 9.14
C VAL A 85 0.40 -13.78 8.49
N VAL A 86 0.57 -15.10 8.49
CA VAL A 86 1.74 -15.73 7.91
C VAL A 86 1.90 -15.43 6.40
N THR A 87 0.81 -15.51 5.64
CA THR A 87 0.90 -15.26 4.21
C THR A 87 1.15 -13.78 3.90
N LEU A 88 0.63 -12.89 4.74
CA LEU A 88 0.82 -11.46 4.54
C LEU A 88 2.17 -10.96 5.10
N ALA A 89 2.89 -11.84 5.80
CA ALA A 89 4.17 -11.47 6.40
C ALA A 89 5.28 -11.34 5.36
N GLU A 90 5.05 -11.89 4.17
CA GLU A 90 6.01 -11.78 3.09
C GLU A 90 5.66 -10.51 2.30
N ASN A 91 6.67 -9.71 1.99
CA ASN A 91 6.48 -8.46 1.26
C ASN A 91 5.68 -8.69 -0.03
N VAL A 92 4.66 -7.88 -0.25
CA VAL A 92 3.85 -8.00 -1.46
C VAL A 92 4.70 -7.68 -2.69
N SER A 93 4.39 -8.33 -3.81
CA SER A 93 5.11 -8.07 -5.05
C SER A 93 4.48 -6.82 -5.67
N ARG A 94 5.24 -6.13 -6.52
CA ARG A 94 4.72 -4.92 -7.18
C ARG A 94 3.45 -5.18 -8.00
N PRO A 95 3.44 -6.24 -8.82
CA PRO A 95 2.26 -6.54 -9.64
C PRO A 95 1.00 -6.75 -8.81
N GLU A 96 1.12 -7.52 -7.73
CA GLU A 96 -0.04 -7.77 -6.89
C GLU A 96 -0.50 -6.50 -6.20
N LEU A 97 0.44 -5.68 -5.72
CA LEU A 97 0.06 -4.43 -5.07
C LEU A 97 -0.67 -3.52 -6.07
N LEU A 98 -0.18 -3.47 -7.30
CA LEU A 98 -0.79 -2.64 -8.34
C LEU A 98 -2.19 -3.11 -8.72
N LEU A 99 -2.37 -4.42 -8.84
CA LEU A 99 -3.69 -4.94 -9.20
C LEU A 99 -4.67 -4.70 -8.04
N LEU A 100 -4.20 -4.90 -6.82
CA LEU A 100 -5.04 -4.69 -5.63
C LEU A 100 -5.56 -3.24 -5.62
N ILE A 101 -4.66 -2.29 -5.83
CA ILE A 101 -5.05 -0.88 -5.84
C ILE A 101 -5.97 -0.56 -7.02
N ASP A 102 -5.76 -1.23 -8.14
CA ASP A 102 -6.59 -0.97 -9.33
C ASP A 102 -7.90 -1.74 -9.42
N ALA A 103 -8.06 -2.75 -8.58
CA ALA A 103 -9.26 -3.59 -8.61
C ALA A 103 -10.58 -2.83 -8.76
N PRO A 104 -10.79 -1.74 -7.99
CA PRO A 104 -12.05 -0.97 -8.08
C PRO A 104 -12.34 -0.32 -9.42
N SER A 105 -11.41 -0.43 -10.37
CA SER A 105 -11.63 0.17 -11.69
C SER A 105 -12.81 -0.46 -12.42
N HIS A 106 -13.21 -1.65 -11.98
CA HIS A 106 -14.35 -2.32 -12.60
C HIS A 106 -14.92 -3.36 -11.64
N PRO A 107 -16.26 -3.41 -11.52
CA PRO A 107 -16.87 -4.39 -10.61
C PRO A 107 -16.42 -5.84 -10.81
N ASP A 108 -16.08 -6.21 -12.04
CA ASP A 108 -15.63 -7.58 -12.30
C ASP A 108 -14.33 -7.91 -11.58
N PHE A 109 -13.40 -6.95 -11.54
CA PHE A 109 -12.12 -7.17 -10.87
C PHE A 109 -12.30 -7.31 -9.37
N LEU A 110 -13.12 -6.43 -8.80
CA LEU A 110 -13.40 -6.47 -7.37
C LEU A 110 -14.04 -7.82 -7.02
N ASN A 111 -14.95 -8.27 -7.86
CA ASN A 111 -15.65 -9.53 -7.63
C ASN A 111 -14.68 -10.71 -7.61
N ALA A 112 -13.63 -10.63 -8.41
CA ALA A 112 -12.64 -11.70 -8.48
C ALA A 112 -12.02 -11.94 -7.09
N TRP A 113 -11.87 -10.88 -6.30
CA TRP A 113 -11.28 -10.99 -4.97
C TRP A 113 -12.31 -11.20 -3.85
N ARG A 114 -13.58 -11.05 -4.18
CA ARG A 114 -14.65 -11.17 -3.19
C ARG A 114 -14.67 -12.45 -2.36
N THR A 115 -14.69 -13.59 -3.01
CA THR A 115 -14.75 -14.86 -2.28
C THR A 115 -13.60 -15.10 -1.32
N VAL A 116 -12.36 -14.90 -1.77
CA VAL A 116 -11.23 -15.13 -0.87
C VAL A 116 -11.25 -14.14 0.29
N ASN A 117 -11.69 -12.92 0.03
CA ASN A 117 -11.78 -11.90 1.08
C ASN A 117 -12.84 -12.30 2.11
N HIS A 118 -14.00 -12.72 1.60
CA HIS A 118 -15.09 -13.12 2.48
C HIS A 118 -14.75 -14.32 3.35
N GLN A 119 -14.01 -15.28 2.81
CA GLN A 119 -13.66 -16.49 3.55
C GLN A 119 -12.48 -16.40 4.52
N TRP A 120 -11.56 -15.46 4.29
CA TRP A 120 -10.39 -15.37 5.17
C TRP A 120 -10.22 -14.09 5.97
N ILE A 121 -10.79 -12.99 5.53
CA ILE A 121 -10.67 -11.74 6.27
C ILE A 121 -11.77 -11.68 7.32
N PRO A 122 -11.40 -11.39 8.58
CA PRO A 122 -12.38 -11.32 9.67
C PRO A 122 -13.47 -10.27 9.45
N ASP A 123 -14.65 -10.53 10.01
CA ASP A 123 -15.77 -9.60 9.87
C ASP A 123 -15.64 -8.46 10.87
N THR A 124 -16.48 -7.44 10.71
CA THR A 124 -16.46 -6.28 11.58
C THR A 124 -17.84 -6.01 12.18
N ASP A 125 -18.64 -7.06 12.32
CA ASP A 125 -19.98 -6.92 12.87
C ASP A 125 -19.98 -6.26 14.25
N ASP A 126 -20.70 -5.14 14.37
CA ASP A 126 -20.81 -4.41 15.62
C ASP A 126 -19.42 -4.09 16.17
N LEU A 127 -18.49 -3.87 15.23
CA LEU A 127 -17.10 -3.55 15.56
C LEU A 127 -16.99 -2.45 16.61
N GLU A 128 -17.75 -1.39 16.45
CA GLU A 128 -17.70 -0.26 17.37
C GLU A 128 -18.10 -0.60 18.81
N ASN A 129 -18.80 -1.71 19.01
CA ASN A 129 -19.23 -2.08 20.35
C ASN A 129 -18.70 -3.45 20.78
N ASP A 130 -17.75 -4.00 20.04
CA ASP A 130 -17.18 -5.31 20.36
C ASP A 130 -15.66 -5.22 20.43
N ALA A 131 -15.14 -5.12 21.65
CA ALA A 131 -13.70 -5.03 21.86
C ALA A 131 -12.93 -6.22 21.29
N HIS A 132 -13.51 -7.40 21.36
CA HIS A 132 -12.83 -8.59 20.84
C HIS A 132 -12.77 -8.53 19.32
N LYS A 133 -13.83 -7.99 18.71
CA LYS A 133 -13.88 -7.86 17.26
C LYS A 133 -12.73 -6.94 16.83
N ARG A 134 -12.57 -5.84 17.57
CA ARG A 134 -11.50 -4.87 17.29
C ARG A 134 -10.11 -5.45 17.52
N ALA A 135 -9.98 -6.30 18.54
CA ALA A 135 -8.68 -6.92 18.85
C ALA A 135 -8.27 -7.82 17.70
N VAL A 136 -9.24 -8.51 17.12
CA VAL A 136 -8.98 -9.40 16.00
C VAL A 136 -8.64 -8.61 14.75
N TYR A 137 -9.40 -7.56 14.47
CA TYR A 137 -9.14 -6.76 13.27
C TYR A 137 -7.81 -6.02 13.40
N LEU A 138 -7.40 -5.73 14.63
CA LEU A 138 -6.13 -5.05 14.85
C LEU A 138 -5.01 -5.93 14.33
N VAL A 139 -5.15 -7.24 14.50
CA VAL A 139 -4.15 -8.19 13.99
C VAL A 139 -4.14 -8.13 12.46
N GLN A 140 -5.32 -8.06 11.86
CA GLN A 140 -5.41 -7.99 10.42
C GLN A 140 -4.68 -6.75 9.92
N LEU A 141 -4.91 -5.64 10.60
CA LEU A 141 -4.28 -4.37 10.26
C LEU A 141 -2.76 -4.44 10.32
N ALA A 142 -2.22 -4.99 11.40
CA ALA A 142 -0.77 -5.11 11.55
C ALA A 142 -0.20 -6.02 10.47
N ALA A 143 -0.92 -7.10 10.16
CA ALA A 143 -0.47 -8.03 9.13
C ALA A 143 -0.46 -7.30 7.78
N ASP A 144 -1.49 -6.50 7.54
CA ASP A 144 -1.56 -5.73 6.29
C ASP A 144 -0.36 -4.78 6.21
N GLY A 145 -0.01 -4.19 7.35
CA GLY A 145 1.12 -3.26 7.36
C GLY A 145 2.43 -3.96 7.02
N LEU A 146 2.65 -5.14 7.58
CA LEU A 146 3.87 -5.88 7.31
C LEU A 146 3.93 -6.26 5.83
N PHE A 147 2.76 -6.55 5.26
CA PHE A 147 2.60 -6.91 3.85
C PHE A 147 3.09 -5.80 2.90
N VAL A 148 2.71 -4.56 3.19
CA VAL A 148 3.08 -3.44 2.33
C VAL A 148 4.21 -2.55 2.86
N HIS A 149 4.66 -2.84 4.09
CA HIS A 149 5.71 -2.05 4.73
C HIS A 149 6.81 -1.50 3.84
N ASP A 150 7.48 -2.38 3.10
CA ASP A 150 8.59 -1.98 2.25
C ASP A 150 8.31 -1.01 1.11
N TYR A 151 7.03 -0.78 0.80
CA TYR A 151 6.65 0.15 -0.27
C TYR A 151 6.26 1.53 0.28
N ILE A 152 5.85 1.58 1.55
CA ILE A 152 5.42 2.85 2.13
C ILE A 152 6.36 3.47 3.16
N HIS A 153 7.51 2.85 3.37
CA HIS A 153 8.52 3.37 4.30
C HIS A 153 9.73 3.75 3.45
N ASP A 154 10.57 4.66 3.93
CA ASP A 154 11.74 5.08 3.19
C ASP A 154 12.86 4.04 3.20
N ASP A 155 12.64 2.94 3.92
CA ASP A 155 13.61 1.87 3.97
C ASP A 155 12.90 0.56 4.30
N VAL A 156 13.50 -0.55 3.88
CA VAL A 156 12.92 -1.88 4.09
C VAL A 156 13.32 -2.53 5.41
N LEU A 157 12.54 -3.53 5.82
CA LEU A 157 12.83 -4.28 7.04
C LEU A 157 13.84 -5.35 6.72
N SER A 158 14.81 -5.55 7.60
CA SER A 158 15.80 -6.60 7.38
C SER A 158 15.04 -7.92 7.58
N LYS A 159 15.62 -9.02 7.13
CA LYS A 159 14.97 -10.32 7.27
C LYS A 159 14.66 -10.64 8.73
N SER A 160 15.63 -10.40 9.61
CA SER A 160 15.47 -10.67 11.03
C SER A 160 14.41 -9.79 11.69
N LYS A 161 14.40 -8.51 11.35
CA LYS A 161 13.43 -7.60 11.94
C LYS A 161 12.01 -7.93 11.47
N ARG A 162 11.87 -8.36 10.23
CA ARG A 162 10.55 -8.73 9.70
C ARG A 162 10.05 -9.96 10.45
N GLN A 163 10.94 -10.91 10.69
CA GLN A 163 10.59 -12.13 11.41
C GLN A 163 10.20 -11.77 12.84
N ALA A 164 10.97 -10.88 13.45
CA ALA A 164 10.69 -10.47 14.82
C ALA A 164 9.29 -9.85 14.90
N MET A 165 8.93 -9.05 13.89
CA MET A 165 7.61 -8.44 13.91
C MET A 165 6.49 -9.44 13.61
N LEU A 166 6.79 -10.44 12.78
CA LEU A 166 5.80 -11.47 12.47
C LEU A 166 5.42 -12.17 13.77
N GLU A 167 6.44 -12.57 14.53
CA GLU A 167 6.22 -13.25 15.79
C GLU A 167 5.45 -12.33 16.74
N THR A 168 5.76 -11.03 16.68
CA THR A 168 5.09 -10.05 17.53
C THR A 168 3.61 -9.97 17.17
N ILE A 169 3.29 -9.97 15.87
CA ILE A 169 1.90 -9.92 15.44
C ILE A 169 1.19 -11.21 15.82
N LEU A 170 1.87 -12.34 15.67
CA LEU A 170 1.29 -13.64 16.01
C LEU A 170 0.87 -13.64 17.48
N GLU A 171 1.70 -13.06 18.35
CA GLU A 171 1.40 -13.01 19.77
C GLU A 171 0.28 -12.04 20.09
N LEU A 172 -0.04 -11.16 19.14
CA LEU A 172 -1.11 -10.18 19.34
C LEU A 172 -2.47 -10.84 19.20
N ILE A 173 -2.50 -12.03 18.60
CA ILE A 173 -3.75 -12.75 18.41
C ILE A 173 -4.40 -13.12 19.74
N PRO A 174 -5.69 -12.81 19.91
CA PRO A 174 -6.42 -13.11 21.15
C PRO A 174 -6.42 -14.60 21.50
N MET B 1 1.40 39.26 -5.11
CA MET B 1 2.73 39.35 -5.80
C MET B 1 2.76 38.43 -7.02
N ARG B 2 3.95 38.03 -7.41
CA ARG B 2 4.12 37.15 -8.56
C ARG B 2 4.15 35.70 -8.08
N THR B 3 3.48 34.82 -8.83
CA THR B 3 3.44 33.40 -8.49
C THR B 3 3.86 32.62 -9.73
N SER B 4 3.91 31.29 -9.61
CA SER B 4 4.32 30.45 -10.72
C SER B 4 3.34 29.30 -10.95
N LYS B 5 3.62 28.48 -11.95
CA LYS B 5 2.78 27.34 -12.25
C LYS B 5 3.35 26.05 -11.67
N LYS B 6 4.43 26.19 -10.91
CA LYS B 6 5.11 25.04 -10.32
C LYS B 6 4.25 24.06 -9.53
N GLU B 7 3.44 24.54 -8.59
CA GLU B 7 2.62 23.63 -7.80
C GLU B 7 1.58 22.94 -8.67
N MET B 8 0.93 23.70 -9.55
CA MET B 8 -0.09 23.13 -10.42
C MET B 8 0.53 22.05 -11.31
N ILE B 9 1.76 22.28 -11.75
CA ILE B 9 2.43 21.30 -12.59
C ILE B 9 2.59 19.99 -11.80
N LEU B 10 3.10 20.10 -10.58
CA LEU B 10 3.30 18.93 -9.72
C LEU B 10 1.98 18.20 -9.40
N ARG B 11 0.95 18.96 -9.03
CA ARG B 11 -0.34 18.34 -8.71
C ARG B 11 -0.92 17.66 -9.94
N THR B 12 -0.74 18.26 -11.10
CA THR B 12 -1.26 17.67 -12.33
C THR B 12 -0.51 16.39 -12.68
N ALA B 13 0.80 16.40 -12.47
CA ALA B 13 1.63 15.23 -12.74
C ALA B 13 1.26 14.07 -11.82
N ILE B 14 0.97 14.39 -10.56
CA ILE B 14 0.59 13.37 -9.59
C ILE B 14 -0.75 12.76 -10.01
N ASP B 15 -1.73 13.58 -10.35
CA ASP B 15 -3.01 13.04 -10.78
C ASP B 15 -2.89 12.23 -12.07
N TYR B 16 -1.98 12.64 -12.95
CA TYR B 16 -1.74 11.95 -14.21
C TYR B 16 -1.48 10.45 -14.00
N ILE B 17 -0.64 10.12 -13.02
CA ILE B 17 -0.31 8.72 -12.78
C ILE B 17 -1.49 7.87 -12.31
N GLY B 18 -2.51 8.50 -11.75
CA GLY B 18 -3.67 7.75 -11.30
C GLY B 18 -4.57 7.42 -12.48
N GLU B 19 -4.54 8.28 -13.48
CA GLU B 19 -5.36 8.09 -14.67
C GLU B 19 -4.59 7.31 -15.73
N TYR B 20 -3.27 7.45 -15.71
CA TYR B 20 -2.43 6.77 -16.68
C TYR B 20 -1.34 5.99 -15.94
N SER B 21 -0.12 6.49 -15.97
CA SER B 21 0.97 5.80 -15.30
C SER B 21 2.20 6.68 -15.18
N LEU B 22 3.11 6.27 -14.32
CA LEU B 22 4.36 6.99 -14.15
C LEU B 22 5.13 6.71 -15.45
N GLU B 23 5.00 5.50 -15.97
CA GLU B 23 5.69 5.11 -17.20
C GLU B 23 5.46 6.08 -18.36
N THR B 24 4.22 6.49 -18.59
CA THR B 24 3.94 7.41 -19.70
C THR B 24 3.98 8.90 -19.34
N LEU B 25 4.31 9.21 -18.08
CA LEU B 25 4.41 10.61 -17.67
C LEU B 25 5.68 11.15 -18.34
N SER B 26 5.51 12.11 -19.25
CA SER B 26 6.63 12.70 -19.97
C SER B 26 6.35 14.18 -20.16
N TYR B 27 7.30 14.91 -20.73
CA TYR B 27 7.06 16.33 -20.96
C TYR B 27 5.89 16.51 -21.93
N ASP B 28 5.77 15.61 -22.90
CA ASP B 28 4.68 15.71 -23.85
C ASP B 28 3.32 15.47 -23.20
N SER B 29 3.20 14.41 -22.41
CA SER B 29 1.92 14.13 -21.77
C SER B 29 1.59 15.12 -20.68
N LEU B 30 2.61 15.64 -20.00
CA LEU B 30 2.38 16.61 -18.93
C LEU B 30 2.01 17.96 -19.55
N ALA B 31 2.57 18.25 -20.71
CA ALA B 31 2.26 19.50 -21.39
C ALA B 31 0.78 19.49 -21.76
N GLU B 32 0.32 18.35 -22.29
CA GLU B 32 -1.07 18.20 -22.67
C GLU B 32 -1.96 18.30 -21.43
N ALA B 33 -1.52 17.69 -20.34
CA ALA B 33 -2.29 17.68 -19.10
C ALA B 33 -2.43 19.05 -18.41
N THR B 34 -1.35 19.83 -18.41
CA THR B 34 -1.36 21.15 -17.76
C THR B 34 -1.78 22.27 -18.70
N GLY B 35 -1.67 22.04 -19.99
CA GLY B 35 -2.03 23.08 -20.95
C GLY B 35 -0.88 24.06 -21.12
N LEU B 36 0.28 23.70 -20.59
CA LEU B 36 1.48 24.53 -20.66
C LEU B 36 2.44 24.02 -21.73
N SER B 37 3.36 24.87 -22.18
CA SER B 37 4.33 24.47 -23.18
C SER B 37 5.44 23.67 -22.51
N LYS B 38 6.15 22.85 -23.29
CA LYS B 38 7.23 22.06 -22.72
C LYS B 38 8.27 23.01 -22.12
N SER B 39 8.40 24.19 -22.73
CA SER B 39 9.36 25.17 -22.22
C SER B 39 8.90 25.63 -20.85
N GLY B 40 7.58 25.76 -20.68
CA GLY B 40 7.03 26.19 -19.42
C GLY B 40 7.25 25.17 -18.31
N LEU B 41 7.33 23.89 -18.68
CA LEU B 41 7.55 22.81 -17.72
C LEU B 41 9.04 22.75 -17.38
N ILE B 42 9.87 22.83 -18.42
CA ILE B 42 11.32 22.80 -18.28
C ILE B 42 11.81 23.92 -17.38
N TYR B 43 11.11 25.05 -17.43
CA TYR B 43 11.46 26.21 -16.62
C TYR B 43 11.61 25.83 -15.15
N HIS B 44 10.67 25.03 -14.64
CA HIS B 44 10.71 24.60 -13.25
C HIS B 44 11.38 23.24 -13.05
N PHE B 45 11.32 22.38 -14.07
CA PHE B 45 11.90 21.05 -13.99
C PHE B 45 12.73 20.74 -15.22
N PRO B 46 14.06 20.98 -15.16
CA PRO B 46 15.00 20.75 -16.26
C PRO B 46 15.11 19.32 -16.77
N SER B 47 14.79 18.34 -15.92
CA SER B 47 14.86 16.94 -16.32
C SER B 47 13.66 16.20 -15.76
N ARG B 48 13.32 15.06 -16.35
CA ARG B 48 12.20 14.27 -15.88
C ARG B 48 12.47 13.86 -14.43
N HIS B 49 13.73 13.52 -14.15
CA HIS B 49 14.11 13.12 -12.79
C HIS B 49 13.78 14.23 -11.79
N ALA B 50 14.05 15.48 -12.16
CA ALA B 50 13.77 16.61 -11.29
C ALA B 50 12.28 16.72 -11.04
N LEU B 51 11.49 16.44 -12.08
CA LEU B 51 10.03 16.51 -11.95
C LEU B 51 9.58 15.48 -10.91
N LEU B 52 9.99 14.22 -11.11
CA LEU B 52 9.62 13.15 -10.18
C LEU B 52 10.06 13.48 -8.77
N LEU B 53 11.30 13.95 -8.62
CA LEU B 53 11.80 14.29 -7.29
C LEU B 53 10.91 15.36 -6.67
N GLY B 54 10.53 16.35 -7.47
CA GLY B 54 9.68 17.42 -6.97
C GLY B 54 8.32 16.92 -6.52
N MET B 55 7.80 15.91 -7.19
CA MET B 55 6.51 15.33 -6.83
C MET B 55 6.60 14.66 -5.46
N HIS B 56 7.67 13.89 -5.26
CA HIS B 56 7.88 13.21 -3.98
C HIS B 56 8.08 14.23 -2.85
N GLU B 57 8.86 15.28 -3.11
CA GLU B 57 9.10 16.30 -2.09
C GLU B 57 7.80 17.03 -1.71
N LEU B 58 6.94 17.30 -2.69
CA LEU B 58 5.69 17.99 -2.42
C LEU B 58 4.82 17.20 -1.45
N LEU B 59 4.64 15.91 -1.74
CA LEU B 59 3.84 15.04 -0.89
C LEU B 59 4.44 14.89 0.50
N ALA B 60 5.76 14.75 0.58
CA ALA B 60 6.41 14.60 1.87
C ALA B 60 6.19 15.88 2.68
N ASP B 61 6.17 17.02 1.99
CA ASP B 61 5.96 18.30 2.66
C ASP B 61 4.52 18.41 3.15
N ASP B 62 3.58 17.97 2.32
CA ASP B 62 2.17 18.00 2.69
C ASP B 62 1.98 17.28 4.02
N TRP B 63 2.54 16.08 4.12
CA TRP B 63 2.40 15.28 5.32
C TRP B 63 3.07 15.93 6.54
N ASP B 64 4.29 16.44 6.34
CA ASP B 64 5.00 17.09 7.44
C ASP B 64 4.15 18.22 8.03
N LYS B 65 3.52 19.00 7.15
CA LYS B 65 2.67 20.11 7.61
C LYS B 65 1.44 19.58 8.34
N GLU B 66 0.89 18.47 7.87
CA GLU B 66 -0.28 17.89 8.49
C GLU B 66 0.06 17.41 9.92
N LEU B 67 1.21 16.76 10.06
CA LEU B 67 1.63 16.25 11.36
C LEU B 67 1.90 17.38 12.35
N ARG B 68 2.71 18.34 11.95
CA ARG B 68 3.04 19.47 12.82
C ARG B 68 1.81 20.28 13.20
N ASP B 69 0.80 20.22 12.34
CA ASP B 69 -0.44 20.93 12.59
C ASP B 69 -1.29 20.20 13.63
N ILE B 70 -1.12 18.89 13.72
CA ILE B 70 -1.89 18.08 14.65
C ILE B 70 -1.06 17.60 15.85
N THR B 71 0.26 17.64 15.71
CA THR B 71 1.14 17.19 16.78
C THR B 71 0.94 18.00 18.07
N ARG B 72 0.86 17.29 19.19
CA ARG B 72 0.67 17.94 20.48
C ARG B 72 2.02 18.30 21.09
N ASP B 73 2.99 17.41 20.95
CA ASP B 73 4.34 17.65 21.47
C ASP B 73 5.37 16.96 20.58
N PRO B 74 5.97 17.70 19.65
CA PRO B 74 6.98 17.17 18.73
C PRO B 74 8.28 16.72 19.37
N GLU B 75 8.31 16.69 20.71
CA GLU B 75 9.50 16.27 21.43
C GLU B 75 9.46 14.80 21.82
N ASP B 76 8.28 14.31 22.19
CA ASP B 76 8.11 12.93 22.59
C ASP B 76 7.81 12.00 21.41
N PRO B 77 8.66 10.99 21.20
CA PRO B 77 8.51 10.02 20.11
C PRO B 77 7.13 9.38 20.04
N LEU B 78 6.52 9.16 21.20
CA LEU B 78 5.19 8.55 21.24
C LEU B 78 4.13 9.58 20.89
N GLU B 79 4.49 10.86 21.03
CA GLU B 79 3.59 11.94 20.70
C GLU B 79 3.60 12.13 19.18
N ARG B 80 4.75 11.88 18.58
CA ARG B 80 4.88 11.99 17.13
C ARG B 80 4.13 10.82 16.52
N LEU B 81 4.22 9.66 17.17
CA LEU B 81 3.55 8.46 16.70
C LEU B 81 2.05 8.66 16.75
N ARG B 82 1.55 9.28 17.81
CA ARG B 82 0.12 9.53 17.93
C ARG B 82 -0.34 10.40 16.75
N ALA B 83 0.49 11.38 16.39
CA ALA B 83 0.17 12.27 15.28
C ALA B 83 0.04 11.45 14.01
N VAL B 84 1.02 10.58 13.76
CA VAL B 84 1.00 9.71 12.58
C VAL B 84 -0.32 8.94 12.51
N VAL B 85 -0.72 8.35 13.63
CA VAL B 85 -1.97 7.58 13.67
C VAL B 85 -3.18 8.48 13.42
N VAL B 86 -3.19 9.66 14.03
CA VAL B 86 -4.32 10.58 13.85
C VAL B 86 -4.56 10.93 12.38
N THR B 87 -3.48 11.05 11.60
CA THR B 87 -3.61 11.41 10.18
C THR B 87 -4.34 10.34 9.36
N LEU B 88 -4.52 9.15 9.95
CA LEU B 88 -5.20 8.05 9.26
C LEU B 88 -6.71 8.27 9.12
N ALA B 89 -7.25 9.25 9.83
CA ALA B 89 -8.68 9.53 9.79
C ALA B 89 -9.27 9.52 8.37
N GLU B 90 -8.55 10.11 7.43
CA GLU B 90 -9.00 10.14 6.04
C GLU B 90 -8.02 9.41 5.13
N ASN B 91 -8.56 8.72 4.13
CA ASN B 91 -7.71 7.99 3.18
C ASN B 91 -6.93 8.97 2.33
N VAL B 92 -5.73 8.57 1.90
CA VAL B 92 -4.95 9.41 1.01
C VAL B 92 -5.54 9.10 -0.35
N SER B 93 -5.24 9.93 -1.35
CA SER B 93 -5.75 9.71 -2.69
C SER B 93 -4.97 8.58 -3.36
N ARG B 94 -5.63 7.90 -4.28
CA ARG B 94 -4.99 6.79 -4.99
C ARG B 94 -3.72 7.22 -5.73
N PRO B 95 -3.73 8.38 -6.40
CA PRO B 95 -2.54 8.85 -7.13
C PRO B 95 -1.36 9.09 -6.18
N GLU B 96 -1.66 9.61 -4.99
CA GLU B 96 -0.62 9.86 -4.01
C GLU B 96 -0.01 8.56 -3.47
N LEU B 97 -0.86 7.57 -3.24
CA LEU B 97 -0.37 6.26 -2.77
C LEU B 97 0.49 5.65 -3.88
N LEU B 98 0.03 5.80 -5.12
CA LEU B 98 0.74 5.28 -6.28
C LEU B 98 2.13 5.90 -6.42
N LEU B 99 2.26 7.19 -6.16
CA LEU B 99 3.57 7.82 -6.25
C LEU B 99 4.47 7.31 -5.13
N LEU B 100 3.93 7.26 -3.91
CA LEU B 100 4.68 6.79 -2.75
C LEU B 100 5.31 5.42 -2.94
N ILE B 101 4.55 4.46 -3.46
CA ILE B 101 5.09 3.13 -3.64
C ILE B 101 6.16 3.02 -4.71
N ASP B 102 6.39 4.11 -5.45
CA ASP B 102 7.43 4.10 -6.48
C ASP B 102 8.72 4.72 -5.95
N ALA B 103 8.68 5.26 -4.73
CA ALA B 103 9.85 5.89 -4.12
C ALA B 103 11.09 4.99 -4.13
N PRO B 104 10.91 3.68 -3.88
CA PRO B 104 12.05 2.76 -3.87
C PRO B 104 12.78 2.67 -5.21
N SER B 105 12.17 3.21 -6.27
CA SER B 105 12.79 3.15 -7.60
C SER B 105 14.07 3.97 -7.71
N HIS B 106 14.31 4.86 -6.76
CA HIS B 106 15.52 5.69 -6.80
C HIS B 106 15.87 6.24 -5.41
N PRO B 107 17.16 6.28 -5.08
CA PRO B 107 17.60 6.79 -3.78
C PRO B 107 17.15 8.21 -3.49
N ASP B 108 17.12 9.06 -4.51
CA ASP B 108 16.69 10.43 -4.33
C ASP B 108 15.25 10.53 -3.86
N PHE B 109 14.40 9.65 -4.39
CA PHE B 109 12.99 9.68 -4.00
C PHE B 109 12.86 9.22 -2.55
N LEU B 110 13.54 8.13 -2.21
CA LEU B 110 13.53 7.63 -0.85
C LEU B 110 13.98 8.74 0.09
N ASN B 111 15.07 9.41 -0.28
CA ASN B 111 15.62 10.50 0.53
C ASN B 111 14.61 11.61 0.78
N ALA B 112 13.80 11.93 -0.22
CA ALA B 112 12.80 12.98 -0.07
C ALA B 112 11.84 12.65 1.07
N TRP B 113 11.59 11.36 1.27
CA TRP B 113 10.68 10.94 2.33
C TRP B 113 11.32 10.78 3.70
N ARG B 114 12.56 10.32 3.75
CA ARG B 114 13.23 10.13 5.05
C ARG B 114 13.26 11.44 5.83
N THR B 115 13.49 12.53 5.10
CA THR B 115 13.58 13.86 5.68
C THR B 115 12.42 14.17 6.62
N VAL B 116 11.25 13.60 6.31
CA VAL B 116 10.06 13.82 7.13
C VAL B 116 9.79 12.64 8.05
N ASN B 117 9.96 11.43 7.54
CA ASN B 117 9.71 10.22 8.32
C ASN B 117 10.60 10.08 9.54
N HIS B 118 11.86 10.50 9.42
CA HIS B 118 12.79 10.41 10.53
C HIS B 118 12.30 11.22 11.72
N GLN B 119 11.48 12.22 11.43
CA GLN B 119 10.94 13.09 12.48
C GLN B 119 9.63 12.59 13.08
N TRP B 120 8.98 11.63 12.43
CA TRP B 120 7.69 11.16 12.93
C TRP B 120 7.48 9.66 13.07
N ILE B 121 7.97 8.89 12.10
CA ILE B 121 7.80 7.44 12.16
C ILE B 121 8.89 6.81 13.00
N PRO B 122 8.51 5.94 13.96
CA PRO B 122 9.46 5.26 14.84
C PRO B 122 10.53 4.52 14.06
N ASP B 123 11.75 4.49 14.58
CA ASP B 123 12.81 3.77 13.92
C ASP B 123 12.77 2.34 14.44
N THR B 124 13.59 1.47 13.88
CA THR B 124 13.61 0.08 14.31
C THR B 124 14.94 -0.27 14.98
N ASP B 125 15.64 0.74 15.47
CA ASP B 125 16.92 0.51 16.13
C ASP B 125 16.75 -0.39 17.35
N ASP B 126 17.55 -1.45 17.40
CA ASP B 126 17.54 -2.37 18.53
C ASP B 126 16.22 -3.14 18.64
N LEU B 127 15.52 -3.25 17.54
CA LEU B 127 14.22 -3.94 17.46
C LEU B 127 14.21 -5.32 18.10
N GLU B 128 15.15 -6.17 17.71
CA GLU B 128 15.21 -7.53 18.23
C GLU B 128 15.66 -7.64 19.69
N ASN B 129 16.08 -6.53 20.29
CA ASN B 129 16.56 -6.55 21.67
C ASN B 129 15.74 -5.70 22.64
N ASP B 130 14.74 -5.01 22.11
CA ASP B 130 13.90 -4.15 22.94
C ASP B 130 12.44 -4.53 22.72
N ALA B 131 11.85 -5.17 23.72
CA ALA B 131 10.46 -5.60 23.63
C ALA B 131 9.54 -4.40 23.50
N HIS B 132 9.96 -3.28 24.10
CA HIS B 132 9.18 -2.05 24.03
C HIS B 132 9.25 -1.50 22.62
N LYS B 133 10.42 -1.65 22.00
CA LYS B 133 10.63 -1.18 20.62
C LYS B 133 9.71 -1.94 19.67
N ARG B 134 9.53 -3.23 19.92
CA ARG B 134 8.67 -4.05 19.07
C ARG B 134 7.20 -3.67 19.29
N ALA B 135 6.86 -3.34 20.54
CA ALA B 135 5.50 -2.95 20.88
C ALA B 135 5.17 -1.62 20.18
N VAL B 136 6.16 -0.74 20.09
CA VAL B 136 5.99 0.55 19.44
C VAL B 136 5.87 0.38 17.92
N TYR B 137 6.69 -0.49 17.35
CA TYR B 137 6.64 -0.70 15.91
C TYR B 137 5.39 -1.48 15.51
N LEU B 138 4.81 -2.20 16.46
CA LEU B 138 3.59 -2.96 16.20
C LEU B 138 2.50 -1.93 15.90
N VAL B 139 2.54 -0.81 16.63
CA VAL B 139 1.58 0.26 16.42
C VAL B 139 1.78 0.80 15.01
N GLN B 140 3.04 1.02 14.64
CA GLN B 140 3.36 1.55 13.31
C GLN B 140 2.83 0.62 12.22
N LEU B 141 3.01 -0.69 12.43
CA LEU B 141 2.56 -1.69 11.47
C LEU B 141 1.03 -1.65 11.34
N ALA B 142 0.33 -1.47 12.46
CA ALA B 142 -1.12 -1.40 12.43
C ALA B 142 -1.52 -0.13 11.68
N ALA B 143 -0.76 0.95 11.89
CA ALA B 143 -1.04 2.21 11.21
C ALA B 143 -0.83 2.03 9.71
N ASP B 144 0.26 1.34 9.35
CA ASP B 144 0.56 1.06 7.94
C ASP B 144 -0.63 0.34 7.32
N GLY B 145 -1.18 -0.61 8.06
CA GLY B 145 -2.32 -1.37 7.58
C GLY B 145 -3.57 -0.53 7.36
N LEU B 146 -3.91 0.32 8.31
CA LEU B 146 -5.10 1.16 8.17
C LEU B 146 -4.93 2.11 7.00
N PHE B 147 -3.68 2.54 6.78
CA PHE B 147 -3.33 3.45 5.70
C PHE B 147 -3.69 2.85 4.33
N VAL B 148 -3.37 1.58 4.12
CA VAL B 148 -3.66 0.94 2.83
C VAL B 148 -4.93 0.09 2.82
N HIS B 149 -5.56 -0.09 3.97
CA HIS B 149 -6.74 -0.93 4.08
C HIS B 149 -7.78 -0.85 2.96
N ASP B 150 -8.33 0.34 2.74
CA ASP B 150 -9.36 0.50 1.71
C ASP B 150 -8.90 0.33 0.28
N TYR B 151 -7.60 0.14 0.09
CA TYR B 151 -7.05 -0.06 -1.24
C TYR B 151 -6.70 -1.53 -1.50
N ILE B 152 -6.47 -2.31 -0.45
CA ILE B 152 -6.13 -3.72 -0.64
C ILE B 152 -7.22 -4.70 -0.24
N HIS B 153 -8.23 -4.26 0.51
CA HIS B 153 -9.33 -5.12 0.90
C HIS B 153 -10.58 -4.73 0.10
N ASP B 154 -11.50 -5.66 -0.11
CA ASP B 154 -12.69 -5.31 -0.89
C ASP B 154 -13.81 -4.76 -0.01
N ASP B 155 -13.76 -5.05 1.29
CA ASP B 155 -14.77 -4.57 2.23
C ASP B 155 -14.24 -3.31 2.94
N VAL B 156 -14.63 -2.14 2.42
CA VAL B 156 -14.20 -0.85 2.97
C VAL B 156 -14.72 -0.58 4.39
N LEU B 157 -13.87 0.04 5.21
CA LEU B 157 -14.27 0.37 6.57
C LEU B 157 -15.13 1.64 6.55
N SER B 158 -16.30 1.58 7.19
CA SER B 158 -17.17 2.74 7.27
C SER B 158 -16.44 3.78 8.10
N LYS B 159 -16.92 5.02 8.03
CA LYS B 159 -16.32 6.11 8.80
C LYS B 159 -16.24 5.75 10.28
N SER B 160 -17.35 5.28 10.83
CA SER B 160 -17.40 4.92 12.25
C SER B 160 -16.46 3.77 12.60
N LYS B 161 -16.39 2.76 11.74
CA LYS B 161 -15.52 1.63 12.00
C LYS B 161 -14.05 2.00 11.81
N ARG B 162 -13.77 2.94 10.91
CA ARG B 162 -12.40 3.37 10.69
C ARG B 162 -11.94 4.14 11.93
N GLN B 163 -12.81 5.01 12.43
CA GLN B 163 -12.49 5.80 13.61
C GLN B 163 -12.26 4.87 14.80
N ALA B 164 -13.08 3.83 14.90
CA ALA B 164 -12.94 2.87 16.00
C ALA B 164 -11.60 2.15 15.95
N MET B 165 -11.15 1.78 14.76
CA MET B 165 -9.87 1.09 14.65
C MET B 165 -8.73 2.07 14.89
N LEU B 166 -8.94 3.33 14.51
CA LEU B 166 -7.93 4.36 14.71
C LEU B 166 -7.68 4.48 16.21
N GLU B 167 -8.76 4.47 16.99
CA GLU B 167 -8.66 4.57 18.44
C GLU B 167 -8.02 3.31 19.03
N THR B 168 -8.32 2.16 18.43
CA THR B 168 -7.77 0.89 18.89
C THR B 168 -6.25 0.89 18.71
N ILE B 169 -5.77 1.49 17.62
CA ILE B 169 -4.34 1.57 17.36
C ILE B 169 -3.71 2.51 18.40
N LEU B 170 -4.41 3.59 18.71
CA LEU B 170 -3.95 4.56 19.70
C LEU B 170 -3.83 3.85 21.06
N GLU B 171 -4.77 2.96 21.35
CA GLU B 171 -4.77 2.20 22.61
C GLU B 171 -3.53 1.31 22.71
N LEU B 172 -3.04 0.86 21.55
CA LEU B 172 -1.88 -0.02 21.49
C LEU B 172 -0.56 0.66 21.85
N ILE B 173 -0.52 1.99 21.78
CA ILE B 173 0.71 2.72 22.11
C ILE B 173 1.05 2.45 23.58
N PRO B 174 2.29 2.03 23.86
CA PRO B 174 2.73 1.74 25.23
C PRO B 174 2.49 2.92 26.17
N SER B 175 1.99 2.63 27.36
CA SER B 175 1.71 3.66 28.34
C SER B 175 2.93 4.45 28.79
N GLU B 176 2.70 5.69 29.20
CA GLU B 176 3.77 6.56 29.69
C GLU B 176 3.40 6.94 31.12
N LEU B 177 2.36 6.28 31.62
CA LEU B 177 1.88 6.55 32.98
C LEU B 177 2.30 5.47 33.96
N HIS B 178 2.91 5.89 35.06
CA HIS B 178 3.35 4.97 36.09
C HIS B 178 2.29 4.78 37.16
N HIS B 179 2.05 3.53 37.53
CA HIS B 179 1.06 3.19 38.55
C HIS B 179 1.70 3.26 39.93
N HIS B 180 0.88 3.06 40.96
CA HIS B 180 1.37 3.08 42.33
C HIS B 180 0.90 1.85 43.10
N HIS B 181 1.69 0.80 43.04
CA HIS B 181 1.39 -0.48 43.71
C HIS B 181 -0.08 -0.83 43.62
#